data_4JJP
#
_entry.id   4JJP
#
_cell.length_a   56.751
_cell.length_b   79.741
_cell.length_c   92.863
_cell.angle_alpha   90.00
_cell.angle_beta   90.00
_cell.angle_gamma   90.00
#
_symmetry.space_group_name_H-M   'P 21 21 21'
#
loop_
_entity.id
_entity.type
_entity.pdbx_description
1 polymer 'Phosphomethylpyrimidine kinase'
2 non-polymer '4-(2-HYDROXYETHYL)-1-PIPERAZINE ETHANESULFONIC ACID'
3 water water
#
_entity_poly.entity_id   1
_entity_poly.type   'polypeptide(L)'
_entity_poly.pdbx_seq_one_letter_code
;SNAMSNYKIPTLTIAGSDSSGGAGIQADLKTFSAIGTYGMSVITAITAQNTKGVFAVEDLNKKIIKKQIEAVFEDIPPRA
VKIGMVSSPEIILEIVENLKKYNPKYLVVDPVMISKSGYYLLKPEAKENLIKYLIPLAYIITPNIPEAEEITGIKIHNVD
DMKRVGEEILQLGPKFVLMKGGHLDGEAVDILVGKNIFKVYKSERIDKKNTHGTGCTLSSAITSYLALGYEITEAVNLSK
IYITEAIKRSFDIGHGVGPVHHFYKFE
;
_entity_poly.pdbx_strand_id   A,B
#
loop_
_chem_comp.id
_chem_comp.type
_chem_comp.name
_chem_comp.formula
EPE non-polymer '4-(2-HYDROXYETHYL)-1-PIPERAZINE ETHANESULFONIC ACID' 'C8 H18 N2 O4 S'
#
# COMPACT_ATOMS: atom_id res chain seq x y z
N LYS A 8 16.47 -5.84 -4.37
CA LYS A 8 15.07 -6.36 -4.40
C LYS A 8 14.84 -7.38 -3.29
N ILE A 9 14.65 -6.89 -2.07
CA ILE A 9 14.42 -7.72 -0.90
C ILE A 9 12.93 -7.60 -0.51
N PRO A 10 12.13 -8.65 -0.72
CA PRO A 10 10.71 -8.52 -0.45
C PRO A 10 10.32 -8.53 1.03
N THR A 11 9.37 -7.67 1.38
CA THR A 11 8.81 -7.60 2.72
C THR A 11 7.29 -7.54 2.59
N LEU A 12 6.59 -8.30 3.42
CA LEU A 12 5.13 -8.36 3.36
C LEU A 12 4.48 -7.69 4.56
N THR A 13 3.36 -7.01 4.31
CA THR A 13 2.54 -6.49 5.40
C THR A 13 1.16 -7.09 5.26
N ILE A 14 0.61 -7.61 6.36
CA ILE A 14 -0.73 -8.17 6.37
C ILE A 14 -1.51 -7.30 7.32
N ALA A 15 -2.43 -6.52 6.77
CA ALA A 15 -3.19 -5.57 7.53
C ALA A 15 -4.32 -4.97 6.67
N GLY A 16 -5.11 -4.10 7.27
CA GLY A 16 -6.22 -3.44 6.55
C GLY A 16 -5.78 -2.24 5.72
N SER A 17 -6.61 -1.85 4.77
CA SER A 17 -6.30 -0.69 3.95
C SER A 17 -6.90 0.57 4.59
N ASP A 18 -6.13 1.65 4.61
CA ASP A 18 -6.59 2.95 5.09
C ASP A 18 -6.49 3.95 3.91
N SER A 19 -7.65 4.32 3.36
CA SER A 19 -7.75 5.24 2.22
C SER A 19 -6.90 6.53 2.32
N SER A 20 -6.86 7.13 3.51
CA SER A 20 -6.12 8.38 3.74
C SER A 20 -4.63 8.16 3.68
N GLY A 21 -4.19 6.90 3.74
CA GLY A 21 -2.79 6.60 3.64
C GLY A 21 -1.96 6.92 4.86
N GLY A 22 -2.61 7.15 5.98
CA GLY A 22 -1.90 7.46 7.19
C GLY A 22 -1.57 6.23 8.01
N ALA A 23 -2.28 5.12 7.80
CA ALA A 23 -2.12 3.89 8.59
C ALA A 23 -2.21 2.66 7.69
N GLY A 24 -2.34 1.48 8.31
CA GLY A 24 -2.46 0.19 7.61
C GLY A 24 -1.38 -0.08 6.58
N ILE A 25 -1.74 -0.82 5.55
CA ILE A 25 -0.78 -1.20 4.49
C ILE A 25 -0.17 -0.01 3.77
N GLN A 26 -0.91 1.07 3.68
CA GLN A 26 -0.41 2.26 3.01
C GLN A 26 0.83 2.79 3.74
N ALA A 27 0.73 2.95 5.07
CA ALA A 27 1.86 3.43 5.87
C ALA A 27 3.02 2.45 5.78
N ASP A 28 2.70 1.15 5.87
CA ASP A 28 3.72 0.10 5.77
C ASP A 28 4.44 0.13 4.42
N LEU A 29 3.68 0.24 3.33
CA LEU A 29 4.28 0.26 2.00
C LEU A 29 5.15 1.47 1.78
N LYS A 30 4.77 2.61 2.37
N LYS A 30 4.77 2.61 2.37
CA LYS A 30 5.58 3.81 2.28
CA LYS A 30 5.56 3.83 2.28
C LYS A 30 6.93 3.61 2.97
C LYS A 30 6.91 3.63 2.97
N THR A 31 6.90 3.03 4.17
CA THR A 31 8.13 2.76 4.95
C THR A 31 9.01 1.76 4.20
N PHE A 32 8.43 0.63 3.81
CA PHE A 32 9.16 -0.37 3.04
C PHE A 32 9.93 0.30 1.88
N SER A 33 9.20 1.06 1.08
CA SER A 33 9.74 1.72 -0.09
C SER A 33 10.85 2.72 0.24
N ALA A 34 10.67 3.50 1.30
CA ALA A 34 11.68 4.49 1.70
C ALA A 34 12.96 3.82 2.18
N ILE A 35 12.82 2.70 2.88
CA ILE A 35 13.98 1.99 3.41
C ILE A 35 14.71 1.19 2.34
N GLY A 36 13.99 0.65 1.37
CA GLY A 36 14.63 -0.08 0.28
C GLY A 36 14.23 -1.53 0.05
N THR A 37 13.17 -1.99 0.68
CA THR A 37 12.67 -3.35 0.48
C THR A 37 11.49 -3.33 -0.52
N TYR A 38 11.18 -4.47 -1.13
CA TYR A 38 10.13 -4.58 -2.13
C TYR A 38 8.84 -4.93 -1.42
N GLY A 39 7.94 -3.95 -1.34
CA GLY A 39 6.70 -4.10 -0.61
C GLY A 39 5.64 -4.96 -1.27
N MET A 40 5.03 -5.82 -0.46
CA MET A 40 3.91 -6.68 -0.84
C MET A 40 2.87 -6.57 0.28
N SER A 41 1.61 -6.90 0.01
CA SER A 41 0.62 -6.82 1.07
C SER A 41 -0.54 -7.77 0.91
N VAL A 42 -1.00 -8.32 2.02
CA VAL A 42 -2.21 -9.09 2.07
C VAL A 42 -3.20 -8.15 2.77
N ILE A 43 -4.22 -7.69 2.06
CA ILE A 43 -5.20 -6.79 2.62
C ILE A 43 -6.28 -7.60 3.32
N THR A 44 -6.61 -7.21 4.54
CA THR A 44 -7.60 -7.92 5.36
C THR A 44 -8.92 -7.21 5.49
N ALA A 45 -8.91 -5.90 5.24
CA ALA A 45 -10.10 -5.11 5.41
C ALA A 45 -9.94 -3.80 4.67
N ILE A 46 -11.07 -3.15 4.38
CA ILE A 46 -11.09 -1.89 3.67
C ILE A 46 -11.71 -0.85 4.54
N THR A 47 -10.97 0.23 4.77
CA THR A 47 -11.41 1.32 5.62
C THR A 47 -11.38 2.64 4.87
N ALA A 48 -12.51 3.36 4.95
CA ALA A 48 -12.66 4.66 4.39
C ALA A 48 -12.54 5.60 5.57
N GLN A 49 -11.44 6.33 5.63
CA GLN A 49 -11.24 7.27 6.72
C GLN A 49 -10.31 8.38 6.32
N ASN A 50 -10.31 9.41 7.15
CA ASN A 50 -9.42 10.54 6.98
C ASN A 50 -9.19 11.13 8.38
N THR A 51 -8.45 12.24 8.44
CA THR A 51 -8.14 12.87 9.74
C THR A 51 -9.42 13.29 10.47
N LYS A 52 -10.49 13.56 9.74
CA LYS A 52 -11.76 13.97 10.36
C LYS A 52 -12.64 12.82 10.90
N GLY A 53 -12.29 11.57 10.61
CA GLY A 53 -13.09 10.44 11.11
C GLY A 53 -13.04 9.18 10.26
N VAL A 54 -13.73 8.14 10.73
CA VAL A 54 -13.84 6.85 10.05
C VAL A 54 -15.24 6.71 9.50
N PHE A 55 -15.38 6.63 8.19
CA PHE A 55 -16.71 6.56 7.57
C PHE A 55 -17.22 5.17 7.26
N ALA A 56 -16.32 4.20 7.07
CA ALA A 56 -16.69 2.82 6.74
C ALA A 56 -15.53 1.84 6.89
N VAL A 57 -15.84 0.66 7.42
CA VAL A 57 -14.89 -0.44 7.62
C VAL A 57 -15.53 -1.72 7.12
N GLU A 58 -14.83 -2.43 6.24
CA GLU A 58 -15.33 -3.68 5.67
C GLU A 58 -14.27 -4.77 5.68
N ASP A 59 -14.58 -5.84 6.42
CA ASP A 59 -13.74 -7.01 6.52
C ASP A 59 -13.89 -7.80 5.23
N LEU A 60 -12.78 -8.29 4.69
CA LEU A 60 -12.81 -9.13 3.50
C LEU A 60 -13.08 -10.58 3.92
N ASN A 61 -13.60 -11.37 2.98
CA ASN A 61 -13.93 -12.77 3.27
C ASN A 61 -12.65 -13.61 3.48
N LYS A 62 -12.77 -14.68 4.28
CA LYS A 62 -11.63 -15.57 4.57
C LYS A 62 -10.93 -16.07 3.30
N LYS A 63 -11.70 -16.49 2.30
CA LYS A 63 -11.14 -17.06 1.08
C LYS A 63 -10.19 -16.14 0.30
N ILE A 64 -10.60 -14.91 0.05
CA ILE A 64 -9.71 -14.00 -0.69
C ILE A 64 -8.45 -13.66 0.13
N ILE A 65 -8.55 -13.68 1.44
CA ILE A 65 -7.37 -13.48 2.31
C ILE A 65 -6.41 -14.68 2.16
N LYS A 66 -6.99 -15.87 2.18
CA LYS A 66 -6.22 -17.08 2.05
C LYS A 66 -5.46 -17.07 0.75
N LYS A 67 -6.18 -16.77 -0.34
CA LYS A 67 -5.60 -16.73 -1.70
C LYS A 67 -4.48 -15.72 -1.83
N GLN A 68 -4.64 -14.56 -1.20
CA GLN A 68 -3.58 -13.54 -1.21
C GLN A 68 -2.31 -14.04 -0.52
N ILE A 69 -2.50 -14.71 0.60
CA ILE A 69 -1.39 -15.26 1.36
C ILE A 69 -0.66 -16.35 0.53
N GLU A 70 -1.44 -17.30 -0.01
CA GLU A 70 -0.87 -18.38 -0.81
C GLU A 70 -0.10 -17.83 -1.98
N ALA A 71 -0.67 -16.82 -2.64
CA ALA A 71 -0.04 -16.20 -3.79
C ALA A 71 1.35 -15.68 -3.40
N VAL A 72 1.44 -14.92 -2.32
CA VAL A 72 2.70 -14.36 -1.86
C VAL A 72 3.73 -15.43 -1.48
N PHE A 73 3.34 -16.42 -0.69
CA PHE A 73 4.29 -17.43 -0.26
C PHE A 73 4.72 -18.50 -1.30
N GLU A 74 3.91 -18.70 -2.33
CA GLU A 74 4.19 -19.73 -3.33
C GLU A 74 5.11 -19.28 -4.47
N ASP A 75 5.55 -18.02 -4.45
CA ASP A 75 6.45 -17.49 -5.48
C ASP A 75 7.72 -17.10 -4.73
N ILE A 76 8.29 -15.91 -4.95
CA ILE A 76 9.48 -15.57 -4.18
C ILE A 76 8.95 -15.01 -2.85
N PRO A 77 9.15 -15.74 -1.75
CA PRO A 77 8.53 -15.29 -0.51
C PRO A 77 9.19 -14.07 0.13
N PRO A 78 8.47 -13.40 1.05
CA PRO A 78 9.05 -12.26 1.74
C PRO A 78 10.14 -12.69 2.72
N ARG A 79 11.13 -11.84 2.92
CA ARG A 79 12.24 -12.10 3.85
C ARG A 79 11.90 -11.68 5.30
N ALA A 80 10.83 -10.89 5.45
CA ALA A 80 10.29 -10.50 6.76
C ALA A 80 8.83 -10.16 6.56
N VAL A 81 8.02 -10.37 7.59
CA VAL A 81 6.57 -10.18 7.52
C VAL A 81 6.06 -9.37 8.71
N LYS A 82 5.29 -8.32 8.43
CA LYS A 82 4.63 -7.55 9.48
C LYS A 82 3.16 -7.86 9.49
N ILE A 83 2.62 -8.05 10.67
CA ILE A 83 1.17 -8.17 10.85
C ILE A 83 0.75 -6.88 11.60
N GLY A 84 -0.16 -6.12 11.00
CA GLY A 84 -0.65 -4.86 11.55
C GLY A 84 -1.99 -5.12 12.21
N MET A 85 -2.81 -4.09 12.29
CA MET A 85 -4.09 -4.25 12.99
C MET A 85 -5.05 -5.13 12.20
N VAL A 86 -5.55 -6.18 12.85
CA VAL A 86 -6.54 -7.08 12.22
C VAL A 86 -7.73 -7.13 13.19
N SER A 87 -8.89 -6.71 12.72
CA SER A 87 -10.05 -6.57 13.59
C SER A 87 -11.03 -7.77 13.65
N SER A 88 -10.97 -8.72 12.72
CA SER A 88 -11.90 -9.86 12.73
C SER A 88 -11.31 -11.08 13.43
N PRO A 89 -12.04 -11.67 14.39
CA PRO A 89 -11.50 -12.85 15.06
C PRO A 89 -11.20 -14.02 14.12
N GLU A 90 -12.11 -14.24 13.16
CA GLU A 90 -11.94 -15.30 12.15
C GLU A 90 -10.71 -15.09 11.27
N ILE A 91 -10.47 -13.85 10.84
CA ILE A 91 -9.31 -13.51 9.99
C ILE A 91 -8.01 -13.76 10.76
N ILE A 92 -8.01 -13.47 12.07
CA ILE A 92 -6.83 -13.70 12.88
C ILE A 92 -6.49 -15.19 12.86
N LEU A 93 -7.48 -16.07 13.08
CA LEU A 93 -7.23 -17.50 13.01
C LEU A 93 -6.69 -17.92 11.63
N GLU A 94 -7.30 -17.45 10.54
N GLU A 94 -7.32 -17.40 10.58
CA GLU A 94 -6.82 -17.78 9.19
CA GLU A 94 -6.93 -17.64 9.19
C GLU A 94 -5.39 -17.29 8.92
C GLU A 94 -5.46 -17.28 8.94
N ILE A 95 -5.06 -16.11 9.40
CA ILE A 95 -3.69 -15.60 9.27
C ILE A 95 -2.74 -16.54 10.01
N VAL A 96 -3.13 -16.94 11.23
CA VAL A 96 -2.30 -17.85 12.05
C VAL A 96 -2.10 -19.23 11.39
N GLU A 97 -3.16 -19.79 10.82
CA GLU A 97 -3.05 -21.07 10.15
C GLU A 97 -2.13 -20.97 8.96
N ASN A 98 -2.26 -19.92 8.17
CA ASN A 98 -1.41 -19.73 7.02
C ASN A 98 0.04 -19.46 7.42
N LEU A 99 0.26 -18.68 8.47
CA LEU A 99 1.62 -18.40 8.95
C LEU A 99 2.31 -19.68 9.45
N LYS A 100 1.54 -20.65 9.95
CA LYS A 100 2.12 -21.94 10.37
C LYS A 100 2.45 -22.83 9.17
N LYS A 101 1.66 -22.71 8.10
CA LYS A 101 1.95 -23.42 6.87
C LYS A 101 3.24 -22.91 6.20
N TYR A 102 3.44 -21.60 6.16
CA TYR A 102 4.57 -20.99 5.46
C TYR A 102 5.82 -20.72 6.33
N ASN A 103 5.63 -20.71 7.66
N ASN A 103 5.63 -20.66 7.65
CA ASN A 103 6.68 -20.56 8.66
CA ASN A 103 6.74 -20.60 8.60
C ASN A 103 7.76 -19.50 8.37
C ASN A 103 7.79 -19.50 8.35
N PRO A 104 7.35 -18.23 8.25
CA PRO A 104 8.34 -17.16 8.03
C PRO A 104 9.26 -16.93 9.26
N LYS A 105 10.54 -16.70 9.01
CA LYS A 105 11.52 -16.51 10.08
C LYS A 105 11.24 -15.24 10.88
N TYR A 106 11.14 -14.11 10.18
CA TYR A 106 10.98 -12.84 10.86
C TYR A 106 9.55 -12.33 10.85
N LEU A 107 8.76 -12.74 11.83
CA LEU A 107 7.37 -12.30 11.93
C LEU A 107 7.31 -11.17 12.97
N VAL A 108 7.04 -9.96 12.48
CA VAL A 108 6.92 -8.77 13.33
C VAL A 108 5.45 -8.55 13.55
N VAL A 109 4.97 -8.77 14.77
CA VAL A 109 3.58 -8.55 15.07
C VAL A 109 3.45 -7.22 15.84
N ASP A 110 2.74 -6.26 15.27
CA ASP A 110 2.42 -5.01 15.95
C ASP A 110 1.04 -5.31 16.54
N PRO A 111 0.99 -5.60 17.84
CA PRO A 111 -0.27 -6.05 18.45
C PRO A 111 -1.21 -4.89 18.73
N VAL A 112 -1.71 -4.26 17.67
CA VAL A 112 -2.52 -3.07 17.78
C VAL A 112 -3.85 -3.42 18.47
N MET A 113 -4.03 -2.86 19.66
CA MET A 113 -5.23 -3.09 20.46
C MET A 113 -5.74 -1.85 21.12
N ILE A 114 -4.84 -0.94 21.49
CA ILE A 114 -5.18 0.27 22.19
C ILE A 114 -4.51 1.49 21.55
N SER A 115 -5.29 2.50 21.25
CA SER A 115 -4.81 3.72 20.59
C SER A 115 -4.01 4.67 21.52
N LYS A 116 -3.35 5.67 20.92
CA LYS A 116 -2.65 6.72 21.75
C LYS A 116 -3.66 7.37 22.70
N SER A 117 -4.88 7.58 22.20
CA SER A 117 -5.94 8.15 23.02
C SER A 117 -6.52 7.21 24.10
N GLY A 118 -6.10 5.93 24.14
CA GLY A 118 -6.55 5.00 25.18
C GLY A 118 -7.83 4.22 24.94
N TYR A 119 -8.19 4.05 23.66
CA TYR A 119 -9.38 3.27 23.30
C TYR A 119 -9.02 1.92 22.68
N TYR A 120 -9.78 0.87 23.04
CA TYR A 120 -9.62 -0.42 22.42
C TYR A 120 -10.00 -0.28 20.95
N LEU A 121 -9.20 -0.90 20.08
CA LEU A 121 -9.42 -0.89 18.63
C LEU A 121 -9.91 -2.23 18.08
N LEU A 122 -10.13 -3.24 18.94
CA LEU A 122 -10.60 -4.58 18.54
C LEU A 122 -11.65 -5.07 19.52
N LYS A 123 -12.64 -5.85 19.04
CA LYS A 123 -13.65 -6.43 19.94
C LYS A 123 -13.04 -7.59 20.72
N PRO A 124 -13.67 -8.02 21.83
CA PRO A 124 -13.12 -9.08 22.70
C PRO A 124 -12.57 -10.35 22.04
N GLU A 125 -13.33 -10.96 21.11
CA GLU A 125 -12.87 -12.19 20.40
C GLU A 125 -11.63 -12.00 19.55
N ALA A 126 -11.54 -10.87 18.85
CA ALA A 126 -10.35 -10.55 18.06
C ALA A 126 -9.18 -10.39 19.00
N LYS A 127 -9.38 -9.64 20.09
CA LYS A 127 -8.32 -9.42 21.05
C LYS A 127 -7.86 -10.74 21.65
N GLU A 128 -8.81 -11.61 22.03
CA GLU A 128 -8.46 -12.90 22.59
C GLU A 128 -7.64 -13.76 21.60
N ASN A 129 -8.00 -13.73 20.31
CA ASN A 129 -7.28 -14.52 19.27
C ASN A 129 -5.89 -14.01 18.99
N LEU A 130 -5.75 -12.71 18.98
CA LEU A 130 -4.46 -12.08 18.81
C LEU A 130 -3.52 -12.44 19.93
N ILE A 131 -4.00 -12.32 21.15
CA ILE A 131 -3.21 -12.60 22.33
C ILE A 131 -2.89 -14.09 22.46
N LYS A 132 -3.89 -14.94 22.30
CA LYS A 132 -3.68 -16.37 22.47
C LYS A 132 -2.99 -17.12 21.34
N TYR A 133 -3.24 -16.73 20.09
CA TYR A 133 -2.74 -17.47 18.95
C TYR A 133 -1.78 -16.79 18.00
N LEU A 134 -1.84 -15.47 17.84
CA LEU A 134 -0.93 -14.80 16.91
C LEU A 134 0.34 -14.37 17.61
N ILE A 135 0.21 -13.65 18.71
CA ILE A 135 1.37 -13.19 19.49
C ILE A 135 2.42 -14.32 19.75
N PRO A 136 2.00 -15.51 20.18
CA PRO A 136 3.00 -16.55 20.39
C PRO A 136 3.89 -16.95 19.22
N LEU A 137 3.57 -16.54 17.99
CA LEU A 137 4.35 -16.91 16.79
C LEU A 137 5.31 -15.83 16.41
N ALA A 138 5.21 -14.69 17.06
CA ALA A 138 6.04 -13.56 16.68
C ALA A 138 7.54 -13.77 16.91
N TYR A 139 8.35 -13.24 16.01
CA TYR A 139 9.77 -13.15 16.20
C TYR A 139 9.98 -11.97 17.19
N ILE A 140 9.33 -10.85 16.89
CA ILE A 140 9.32 -9.70 17.78
C ILE A 140 7.93 -9.09 17.80
N ILE A 141 7.46 -8.70 18.99
CA ILE A 141 6.25 -7.89 19.11
C ILE A 141 6.60 -6.46 19.58
N THR A 142 5.76 -5.51 19.19
CA THR A 142 5.99 -4.08 19.45
C THR A 142 4.79 -3.38 20.14
N PRO A 143 4.45 -3.87 21.32
CA PRO A 143 3.34 -3.29 22.05
C PRO A 143 3.69 -2.02 22.78
N ASN A 144 2.69 -1.15 22.91
CA ASN A 144 2.77 -0.05 23.83
C ASN A 144 2.50 -0.63 25.23
N ILE A 145 2.60 0.23 26.22
CA ILE A 145 2.43 -0.20 27.61
C ILE A 145 1.03 -0.78 27.86
N PRO A 146 -0.03 -0.08 27.44
CA PRO A 146 -1.38 -0.66 27.65
C PRO A 146 -1.57 -2.05 27.01
N GLU A 147 -0.99 -2.25 25.85
CA GLU A 147 -1.02 -3.55 25.16
C GLU A 147 -0.22 -4.61 25.94
N ALA A 148 0.96 -4.25 26.46
CA ALA A 148 1.75 -5.19 27.29
C ALA A 148 0.93 -5.58 28.55
N GLU A 149 0.27 -4.59 29.13
CA GLU A 149 -0.59 -4.84 30.27
C GLU A 149 -1.74 -5.78 29.88
N GLU A 150 -2.34 -5.53 28.71
CA GLU A 150 -3.45 -6.34 28.22
C GLU A 150 -3.01 -7.79 27.97
N ILE A 151 -1.85 -7.96 27.37
CA ILE A 151 -1.32 -9.29 27.10
C ILE A 151 -1.12 -10.13 28.38
N THR A 152 -0.57 -9.51 29.43
CA THR A 152 -0.18 -10.27 30.63
C THR A 152 -1.07 -10.12 31.84
N GLY A 153 -1.93 -9.10 31.87
CA GLY A 153 -2.74 -8.83 33.05
C GLY A 153 -1.94 -8.18 34.18
N ILE A 154 -0.73 -7.69 33.89
CA ILE A 154 0.15 -7.07 34.88
C ILE A 154 0.26 -5.56 34.65
N LYS A 155 0.08 -4.78 35.71
CA LYS A 155 0.14 -3.32 35.61
C LYS A 155 1.57 -2.81 35.57
N ILE A 156 1.82 -1.81 34.71
CA ILE A 156 3.15 -1.25 34.53
C ILE A 156 3.18 0.19 35.05
N HIS A 157 4.08 0.52 36.00
CA HIS A 157 4.20 1.87 36.55
C HIS A 157 5.54 2.56 36.33
N ASN A 158 6.53 1.82 35.86
CA ASN A 158 7.86 2.36 35.73
C ASN A 158 8.65 1.43 34.81
N VAL A 159 9.90 1.76 34.52
CA VAL A 159 10.71 0.97 33.59
C VAL A 159 11.05 -0.42 34.08
N ASP A 160 11.20 -0.61 35.39
CA ASP A 160 11.46 -1.95 35.94
C ASP A 160 10.29 -2.84 35.63
N ASP A 161 9.09 -2.32 35.77
CA ASP A 161 7.89 -3.05 35.41
C ASP A 161 7.86 -3.33 33.91
N MET A 162 8.28 -2.37 33.10
CA MET A 162 8.28 -2.64 31.66
C MET A 162 9.12 -3.90 31.37
N LYS A 163 10.29 -3.97 32.00
CA LYS A 163 11.23 -5.05 31.79
C LYS A 163 10.65 -6.39 32.25
N ARG A 164 10.07 -6.42 33.44
CA ARG A 164 9.53 -7.64 34.01
C ARG A 164 8.36 -8.17 33.16
N VAL A 165 7.48 -7.27 32.75
CA VAL A 165 6.35 -7.66 31.91
C VAL A 165 6.91 -8.10 30.51
N GLY A 166 7.89 -7.37 29.96
CA GLY A 166 8.49 -7.84 28.69
C GLY A 166 9.00 -9.29 28.81
N GLU A 167 9.70 -9.59 29.90
CA GLU A 167 10.19 -10.92 30.14
C GLU A 167 9.06 -11.97 30.27
N GLU A 168 7.93 -11.60 30.88
CA GLU A 168 6.79 -12.52 31.00
C GLU A 168 6.29 -12.81 29.62
N ILE A 169 6.22 -11.77 28.81
CA ILE A 169 5.77 -11.93 27.43
C ILE A 169 6.62 -12.95 26.63
N LEU A 170 7.95 -12.96 26.85
CA LEU A 170 8.86 -13.89 26.15
C LEU A 170 8.49 -15.34 26.39
N GLN A 171 8.03 -15.65 27.58
CA GLN A 171 7.58 -17.01 27.94
C GLN A 171 6.35 -17.48 27.13
N LEU A 172 5.63 -16.52 26.55
CA LEU A 172 4.46 -16.80 25.75
C LEU A 172 4.80 -17.15 24.30
N GLY A 173 6.07 -16.96 23.91
CA GLY A 173 6.52 -17.29 22.55
C GLY A 173 7.40 -16.28 21.81
N PRO A 174 7.12 -14.97 21.91
CA PRO A 174 7.98 -14.06 21.15
C PRO A 174 9.45 -14.15 21.57
N LYS A 175 10.35 -14.01 20.60
CA LYS A 175 11.76 -14.07 20.91
C LYS A 175 12.19 -12.73 21.41
N PHE A 176 11.49 -11.68 20.99
CA PHE A 176 11.80 -10.31 21.41
C PHE A 176 10.55 -9.48 21.61
N VAL A 177 10.65 -8.53 22.54
CA VAL A 177 9.59 -7.57 22.81
C VAL A 177 10.23 -6.19 22.77
N LEU A 178 9.69 -5.31 21.94
CA LEU A 178 10.10 -3.91 21.97
C LEU A 178 8.89 -3.20 22.55
N MET A 179 8.97 -2.85 23.84
CA MET A 179 7.86 -2.20 24.52
C MET A 179 8.03 -0.69 24.39
N LYS A 180 7.02 -0.02 23.84
CA LYS A 180 7.12 1.41 23.58
C LYS A 180 6.59 2.17 24.77
N GLY A 181 7.38 3.12 25.25
CA GLY A 181 6.97 3.95 26.37
C GLY A 181 6.17 5.15 25.91
N GLY A 182 5.81 5.99 26.86
CA GLY A 182 5.08 7.22 26.59
C GLY A 182 3.81 7.32 27.42
N HIS A 183 3.22 6.15 27.69
CA HIS A 183 1.96 6.06 28.43
C HIS A 183 2.09 6.51 29.88
N LEU A 184 3.21 6.19 30.52
CA LEU A 184 3.37 6.46 31.94
C LEU A 184 3.43 7.94 32.27
N ASP A 185 3.09 8.21 33.53
CA ASP A 185 3.15 9.52 34.09
C ASP A 185 4.63 9.91 34.22
N GLY A 186 5.48 8.91 34.48
CA GLY A 186 6.92 9.09 34.65
C GLY A 186 7.72 9.24 33.36
N GLU A 187 8.99 8.81 33.41
CA GLU A 187 9.89 8.90 32.26
C GLU A 187 9.49 7.96 31.12
N ALA A 188 9.60 8.44 29.89
CA ALA A 188 9.29 7.63 28.71
C ALA A 188 10.58 7.05 28.14
N VAL A 189 10.62 5.73 27.96
CA VAL A 189 11.73 5.04 27.30
C VAL A 189 11.13 3.85 26.52
N ASP A 190 11.83 3.35 25.52
CA ASP A 190 11.42 2.12 24.83
C ASP A 190 12.41 1.07 25.28
N ILE A 191 11.96 -0.15 25.55
CA ILE A 191 12.86 -1.22 25.97
C ILE A 191 12.79 -2.42 25.03
N LEU A 192 13.95 -2.96 24.70
CA LEU A 192 14.07 -4.15 23.89
C LEU A 192 14.49 -5.25 24.88
N VAL A 193 13.74 -6.34 24.89
CA VAL A 193 14.07 -7.46 25.75
C VAL A 193 13.96 -8.76 24.98
N GLY A 194 15.00 -9.59 25.12
CA GLY A 194 15.04 -10.94 24.53
C GLY A 194 15.53 -11.85 25.63
N LYS A 195 15.60 -13.15 25.38
CA LYS A 195 16.08 -14.04 26.42
C LYS A 195 17.42 -13.60 26.99
N ASN A 196 18.32 -13.11 26.15
CA ASN A 196 19.64 -12.73 26.64
C ASN A 196 20.11 -11.33 26.24
N ILE A 197 19.16 -10.43 26.15
CA ILE A 197 19.45 -9.05 25.88
C ILE A 197 18.39 -8.16 26.54
N PHE A 198 18.89 -7.05 27.07
CA PHE A 198 18.04 -5.98 27.56
C PHE A 198 18.70 -4.69 27.14
N LYS A 199 17.98 -3.86 26.38
CA LYS A 199 18.54 -2.56 25.92
C LYS A 199 17.47 -1.50 26.00
N VAL A 200 17.86 -0.31 26.41
CA VAL A 200 16.94 0.82 26.57
C VAL A 200 17.18 1.82 25.45
N TYR A 201 16.10 2.33 24.88
CA TYR A 201 16.16 3.32 23.80
C TYR A 201 15.36 4.56 24.15
N LYS A 202 15.61 5.63 23.41
CA LYS A 202 14.80 6.83 23.54
C LYS A 202 13.43 6.44 23.01
N SER A 203 12.40 7.05 23.56
CA SER A 203 11.05 6.77 23.10
C SER A 203 10.71 7.71 21.95
N GLU A 204 9.71 7.33 21.15
N GLU A 204 9.63 7.39 21.24
CA GLU A 204 9.27 8.16 20.02
CA GLU A 204 9.10 8.19 20.13
C GLU A 204 8.50 9.39 20.51
C GLU A 204 9.63 9.62 20.07
N GLY A 215 4.91 3.12 16.65
CA GLY A 215 3.76 3.23 15.75
C GLY A 215 3.89 2.26 14.59
N CYS A 216 3.08 2.50 13.55
CA CYS A 216 3.13 1.66 12.36
C CYS A 216 4.52 1.72 11.74
N THR A 217 5.12 2.91 11.74
CA THR A 217 6.43 3.11 11.11
C THR A 217 7.49 2.28 11.83
N LEU A 218 7.50 2.31 13.14
CA LEU A 218 8.51 1.55 13.87
C LEU A 218 8.45 0.03 13.55
N SER A 219 7.27 -0.57 13.57
CA SER A 219 7.16 -2.01 13.26
C SER A 219 7.47 -2.29 11.76
N SER A 220 6.98 -1.45 10.86
CA SER A 220 7.27 -1.65 9.45
C SER A 220 8.77 -1.42 9.15
N ALA A 221 9.38 -0.43 9.80
CA ALA A 221 10.83 -0.22 9.60
C ALA A 221 11.65 -1.39 10.16
N ILE A 222 11.26 -1.94 11.31
CA ILE A 222 11.94 -3.11 11.88
C ILE A 222 11.86 -4.27 10.88
N THR A 223 10.67 -4.49 10.31
CA THR A 223 10.47 -5.53 9.27
C THR A 223 11.46 -5.34 8.09
N SER A 224 11.63 -4.11 7.63
CA SER A 224 12.52 -3.83 6.51
C SER A 224 13.97 -4.09 6.86
N TYR A 225 14.42 -3.62 8.01
CA TYR A 225 15.84 -3.80 8.39
C TYR A 225 16.23 -5.25 8.67
N LEU A 226 15.29 -6.03 9.22
CA LEU A 226 15.48 -7.46 9.41
C LEU A 226 15.62 -8.15 8.06
N ALA A 227 14.74 -7.83 7.12
CA ALA A 227 14.76 -8.36 5.76
C ALA A 227 16.06 -7.99 5.05
N LEU A 228 16.56 -6.80 5.31
CA LEU A 228 17.81 -6.34 4.70
C LEU A 228 19.07 -7.03 5.25
N GLY A 229 18.95 -7.76 6.35
CA GLY A 229 20.08 -8.51 6.88
C GLY A 229 20.69 -8.03 8.17
N TYR A 230 19.99 -7.17 8.92
CA TYR A 230 20.47 -6.71 10.22
C TYR A 230 19.82 -7.55 11.31
N GLU A 231 20.55 -7.78 12.41
N GLU A 231 20.56 -7.79 12.39
CA GLU A 231 19.99 -8.54 13.51
CA GLU A 231 20.01 -8.53 13.52
C GLU A 231 19.12 -7.55 14.26
C GLU A 231 19.15 -7.54 14.29
N ILE A 232 18.24 -8.07 15.11
CA ILE A 232 17.27 -7.24 15.79
C ILE A 232 17.75 -5.93 16.47
N THR A 233 18.83 -5.94 17.25
CA THR A 233 19.19 -4.70 17.96
C THR A 233 19.55 -3.54 17.01
N GLU A 234 20.29 -3.85 15.96
CA GLU A 234 20.66 -2.87 14.97
C GLU A 234 19.44 -2.49 14.12
N ALA A 235 18.57 -3.46 13.85
CA ALA A 235 17.34 -3.18 13.13
C ALA A 235 16.51 -2.14 13.89
N VAL A 236 16.37 -2.30 15.21
CA VAL A 236 15.65 -1.31 16.02
C VAL A 236 16.33 0.05 15.97
N ASN A 237 17.65 0.02 16.08
CA ASN A 237 18.47 1.20 16.10
C ASN A 237 18.27 2.02 14.84
N LEU A 238 18.42 1.35 13.69
CA LEU A 238 18.24 1.98 12.38
C LEU A 238 16.81 2.45 12.16
N SER A 239 15.83 1.71 12.70
CA SER A 239 14.42 2.11 12.59
C SER A 239 14.20 3.45 13.29
N LYS A 240 14.82 3.62 14.47
CA LYS A 240 14.68 4.86 15.24
C LYS A 240 15.34 6.02 14.51
N ILE A 241 16.48 5.77 13.88
CA ILE A 241 17.16 6.81 13.11
C ILE A 241 16.31 7.17 11.90
N TYR A 242 15.70 6.16 11.29
CA TYR A 242 14.81 6.40 10.17
C TYR A 242 13.68 7.35 10.59
N ILE A 243 12.99 7.00 11.67
CA ILE A 243 11.90 7.85 12.20
C ILE A 243 12.37 9.29 12.47
N THR A 244 13.49 9.45 13.16
CA THR A 244 14.08 10.78 13.43
C THR A 244 14.29 11.55 12.14
N GLU A 245 14.83 10.89 11.14
CA GLU A 245 15.04 11.53 9.85
C GLU A 245 13.72 11.80 9.13
N ALA A 246 12.75 10.90 9.29
CA ALA A 246 11.40 11.08 8.73
C ALA A 246 10.74 12.32 9.35
N ILE A 247 10.78 12.41 10.67
CA ILE A 247 10.24 13.57 11.40
C ILE A 247 10.87 14.91 10.92
N LYS A 248 11.89 14.85 10.05
CA LYS A 248 12.53 16.06 9.50
C LYS A 248 13.11 15.77 8.11
N ILE B 9 1.86 17.13 -0.03
CA ILE B 9 1.34 17.04 -1.43
C ILE B 9 0.69 15.69 -1.74
N PRO B 10 -0.64 15.60 -1.65
CA PRO B 10 -1.28 14.34 -1.87
C PRO B 10 -1.55 13.97 -3.33
N THR B 11 -1.34 12.69 -3.62
CA THR B 11 -1.59 12.10 -4.90
C THR B 11 -2.39 10.87 -4.57
N LEU B 12 -3.42 10.63 -5.35
CA LEU B 12 -4.33 9.50 -5.15
C LEU B 12 -4.18 8.51 -6.28
N THR B 13 -4.27 7.23 -5.93
CA THR B 13 -4.39 6.17 -6.92
C THR B 13 -5.75 5.52 -6.72
N ILE B 14 -6.43 5.26 -7.84
CA ILE B 14 -7.69 4.55 -7.84
C ILE B 14 -7.47 3.35 -8.75
N ALA B 15 -7.38 2.17 -8.16
CA ALA B 15 -7.10 0.93 -8.89
C ALA B 15 -7.34 -0.29 -7.99
N GLY B 16 -7.11 -1.47 -8.54
CA GLY B 16 -7.25 -2.70 -7.78
C GLY B 16 -6.02 -2.98 -6.93
N SER B 17 -6.18 -3.92 -5.99
CA SER B 17 -5.08 -4.33 -5.14
C SER B 17 -4.39 -5.59 -5.71
N ASP B 18 -3.06 -5.57 -5.82
CA ASP B 18 -2.25 -6.68 -6.28
C ASP B 18 -1.33 -7.16 -5.15
N SER B 19 -1.58 -8.38 -4.67
CA SER B 19 -0.82 -8.96 -3.58
C SER B 19 0.69 -9.07 -3.86
N SER B 20 1.09 -9.26 -5.12
CA SER B 20 2.52 -9.37 -5.44
C SER B 20 3.28 -8.06 -5.31
N GLY B 21 2.57 -6.94 -5.29
CA GLY B 21 3.21 -5.63 -5.20
C GLY B 21 3.82 -5.13 -6.52
N GLY B 22 3.62 -5.87 -7.61
CA GLY B 22 4.15 -5.48 -8.93
C GLY B 22 3.31 -4.46 -9.71
N ALA B 23 2.01 -4.43 -9.44
CA ALA B 23 1.06 -3.54 -10.10
C ALA B 23 0.06 -2.96 -9.13
N GLY B 24 -1.02 -2.38 -9.67
CA GLY B 24 -2.08 -1.84 -8.84
C GLY B 24 -1.71 -0.75 -7.84
N ILE B 25 -2.54 -0.59 -6.81
CA ILE B 25 -2.34 0.49 -5.85
C ILE B 25 -1.00 0.37 -5.12
N GLN B 26 -0.51 -0.87 -4.95
CA GLN B 26 0.77 -1.13 -4.25
C GLN B 26 1.93 -0.50 -5.00
N ALA B 27 2.00 -0.77 -6.30
CA ALA B 27 3.06 -0.21 -7.15
C ALA B 27 2.98 1.30 -7.17
N ASP B 28 1.76 1.83 -7.25
CA ASP B 28 1.56 3.29 -7.28
C ASP B 28 2.01 3.95 -5.97
N LEU B 29 1.57 3.40 -4.84
CA LEU B 29 1.95 3.96 -3.53
C LEU B 29 3.46 3.93 -3.29
N LYS B 30 4.11 2.85 -3.74
CA LYS B 30 5.56 2.70 -3.61
C LYS B 30 6.25 3.78 -4.38
N THR B 31 5.74 4.07 -5.58
CA THR B 31 6.27 5.12 -6.44
C THR B 31 6.05 6.50 -5.86
N PHE B 32 4.83 6.77 -5.39
CA PHE B 32 4.56 8.08 -4.80
C PHE B 32 5.57 8.29 -3.66
N SER B 33 5.69 7.27 -2.80
CA SER B 33 6.60 7.31 -1.67
C SER B 33 8.02 7.59 -2.15
N ALA B 34 8.54 6.81 -3.09
CA ALA B 34 9.91 7.09 -3.59
C ALA B 34 10.08 8.49 -4.19
N ILE B 35 9.09 9.00 -4.90
CA ILE B 35 9.26 10.30 -5.56
C ILE B 35 9.09 11.47 -4.59
N GLY B 36 8.25 11.27 -3.58
CA GLY B 36 8.04 12.27 -2.54
C GLY B 36 6.68 12.96 -2.47
N THR B 37 5.62 12.25 -2.84
CA THR B 37 4.27 12.80 -2.70
C THR B 37 3.58 11.94 -1.64
N TYR B 38 2.49 12.44 -1.07
CA TYR B 38 1.81 11.74 0.01
C TYR B 38 0.75 10.86 -0.59
N GLY B 39 0.96 9.56 -0.47
CA GLY B 39 0.11 8.59 -1.12
C GLY B 39 -1.21 8.27 -0.45
N MET B 40 -2.26 8.22 -1.27
CA MET B 40 -3.63 7.88 -0.87
C MET B 40 -4.25 6.88 -1.87
N SER B 41 -5.24 6.09 -1.44
CA SER B 41 -5.77 5.08 -2.34
C SER B 41 -7.23 4.70 -2.14
N VAL B 42 -7.89 4.52 -3.27
CA VAL B 42 -9.21 3.99 -3.32
C VAL B 42 -9.01 2.63 -4.01
N ILE B 43 -9.24 1.57 -3.26
CA ILE B 43 -9.16 0.20 -3.75
C ILE B 43 -10.50 -0.20 -4.35
N THR B 44 -10.46 -0.75 -5.57
CA THR B 44 -11.65 -1.13 -6.32
C THR B 44 -11.84 -2.64 -6.43
N ALA B 45 -10.78 -3.38 -6.16
CA ALA B 45 -10.85 -4.82 -6.30
C ALA B 45 -9.65 -5.42 -5.61
N ILE B 46 -9.76 -6.69 -5.22
CA ILE B 46 -8.67 -7.39 -4.54
C ILE B 46 -8.24 -8.54 -5.43
N THR B 47 -6.96 -8.59 -5.79
CA THR B 47 -6.46 -9.68 -6.60
C THR B 47 -5.35 -10.41 -5.87
N ALA B 48 -5.44 -11.75 -5.92
CA ALA B 48 -4.42 -12.62 -5.39
C ALA B 48 -3.68 -13.11 -6.64
N GLN B 49 -2.43 -12.68 -6.80
CA GLN B 49 -1.62 -13.12 -7.92
C GLN B 49 -0.11 -13.03 -7.67
N ASN B 50 0.66 -13.81 -8.43
CA ASN B 50 2.13 -13.79 -8.38
C ASN B 50 2.67 -14.02 -9.78
N THR B 51 3.98 -14.06 -9.95
CA THR B 51 4.59 -14.25 -11.30
C THR B 51 4.12 -15.52 -12.04
N LYS B 52 3.53 -16.48 -11.34
CA LYS B 52 3.05 -17.72 -11.95
C LYS B 52 1.57 -17.73 -12.38
N GLY B 53 0.80 -16.73 -11.97
CA GLY B 53 -0.62 -16.66 -12.36
C GLY B 53 -1.56 -16.01 -11.35
N VAL B 54 -2.77 -15.69 -11.82
CA VAL B 54 -3.79 -15.09 -10.95
C VAL B 54 -4.58 -16.21 -10.26
N PHE B 55 -4.66 -16.11 -8.94
CA PHE B 55 -5.35 -17.07 -8.11
C PHE B 55 -6.78 -16.60 -7.86
N ALA B 56 -7.03 -15.29 -7.92
CA ALA B 56 -8.38 -14.78 -7.65
C ALA B 56 -8.45 -13.28 -7.83
N VAL B 57 -9.54 -12.81 -8.43
CA VAL B 57 -9.80 -11.37 -8.60
C VAL B 57 -11.21 -11.15 -8.05
N GLU B 58 -11.35 -10.15 -7.19
CA GLU B 58 -12.63 -9.87 -6.54
C GLU B 58 -12.91 -8.36 -6.45
N ASP B 59 -13.97 -7.93 -7.13
CA ASP B 59 -14.38 -6.54 -7.10
C ASP B 59 -14.94 -6.21 -5.71
N LEU B 60 -14.64 -5.02 -5.24
CA LEU B 60 -15.28 -4.54 -4.00
C LEU B 60 -16.64 -3.96 -4.36
N ASN B 61 -17.52 -3.90 -3.38
CA ASN B 61 -18.85 -3.37 -3.59
C ASN B 61 -18.78 -1.84 -3.79
N LYS B 62 -19.77 -1.31 -4.49
CA LYS B 62 -19.73 0.10 -4.85
C LYS B 62 -19.84 1.07 -3.70
N LYS B 63 -20.56 0.72 -2.62
CA LYS B 63 -20.69 1.66 -1.51
C LYS B 63 -19.36 1.86 -0.77
N ILE B 64 -18.58 0.79 -0.60
CA ILE B 64 -17.27 0.96 0.08
C ILE B 64 -16.34 1.73 -0.82
N ILE B 65 -16.47 1.57 -2.13
CA ILE B 65 -15.64 2.33 -3.06
C ILE B 65 -16.02 3.83 -2.96
N LYS B 66 -17.31 4.10 -2.89
CA LYS B 66 -17.83 5.48 -2.73
C LYS B 66 -17.31 6.14 -1.44
N LYS B 67 -17.35 5.41 -0.34
CA LYS B 67 -16.87 5.92 0.95
C LYS B 67 -15.38 6.27 0.92
N GLN B 68 -14.59 5.42 0.27
CA GLN B 68 -13.17 5.70 0.14
C GLN B 68 -12.96 6.99 -0.63
N ILE B 69 -13.70 7.16 -1.73
CA ILE B 69 -13.58 8.36 -2.57
C ILE B 69 -13.91 9.63 -1.76
N GLU B 70 -15.03 9.60 -1.04
CA GLU B 70 -15.46 10.74 -0.21
C GLU B 70 -14.41 11.10 0.86
N ALA B 71 -13.88 10.08 1.50
CA ALA B 71 -12.87 10.25 2.56
C ALA B 71 -11.60 10.94 2.04
N VAL B 72 -11.15 10.54 0.85
CA VAL B 72 -9.95 11.11 0.26
C VAL B 72 -10.15 12.56 -0.18
N PHE B 73 -11.16 12.81 -1.01
CA PHE B 73 -11.37 14.15 -1.54
C PHE B 73 -11.85 15.19 -0.56
N GLU B 74 -12.63 14.80 0.45
CA GLU B 74 -13.21 15.77 1.37
C GLU B 74 -12.35 16.22 2.54
N ASP B 75 -11.11 15.74 2.60
CA ASP B 75 -10.22 16.16 3.66
C ASP B 75 -9.06 17.00 3.08
N ILE B 76 -8.00 16.35 2.63
CA ILE B 76 -6.88 17.05 2.00
C ILE B 76 -6.97 16.54 0.53
N PRO B 77 -7.56 17.35 -0.38
CA PRO B 77 -7.75 16.84 -1.75
C PRO B 77 -6.44 16.57 -2.50
N PRO B 78 -6.42 15.52 -3.32
CA PRO B 78 -5.21 15.21 -4.06
C PRO B 78 -4.92 16.20 -5.17
N ARG B 79 -3.66 16.55 -5.36
CA ARG B 79 -3.29 17.44 -6.46
C ARG B 79 -3.43 16.74 -7.79
N ALA B 80 -3.02 15.47 -7.80
CA ALA B 80 -3.11 14.63 -8.99
C ALA B 80 -3.65 13.25 -8.62
N VAL B 81 -4.36 12.66 -9.57
CA VAL B 81 -5.03 11.39 -9.37
C VAL B 81 -4.73 10.45 -10.53
N LYS B 82 -4.36 9.21 -10.22
CA LYS B 82 -4.15 8.17 -11.25
C LYS B 82 -5.22 7.13 -11.16
N ILE B 83 -5.74 6.75 -12.33
CA ILE B 83 -6.70 5.66 -12.43
C ILE B 83 -5.95 4.56 -13.18
N GLY B 84 -5.89 3.39 -12.57
CA GLY B 84 -5.32 2.20 -13.15
C GLY B 84 -6.42 1.26 -13.56
N MET B 85 -6.10 -0.03 -13.59
CA MET B 85 -7.07 -1.02 -14.05
C MET B 85 -8.34 -1.09 -13.22
N VAL B 86 -9.46 -0.73 -13.83
CA VAL B 86 -10.76 -0.90 -13.17
C VAL B 86 -11.56 -1.76 -14.14
N SER B 87 -11.84 -2.99 -13.76
CA SER B 87 -12.50 -3.89 -14.69
C SER B 87 -14.05 -3.85 -14.69
N SER B 88 -14.67 -3.27 -13.66
CA SER B 88 -16.13 -3.23 -13.60
C SER B 88 -16.69 -2.01 -14.33
N PRO B 89 -17.61 -2.22 -15.28
CA PRO B 89 -18.16 -1.04 -15.98
C PRO B 89 -18.90 -0.08 -15.04
N GLU B 90 -19.63 -0.66 -14.09
CA GLU B 90 -20.36 0.12 -13.10
C GLU B 90 -19.40 0.92 -12.19
N ILE B 91 -18.29 0.30 -11.77
CA ILE B 91 -17.28 1.00 -10.97
C ILE B 91 -16.63 2.13 -11.78
N ILE B 92 -16.43 1.91 -13.07
CA ILE B 92 -15.87 2.99 -13.92
C ILE B 92 -16.82 4.22 -13.91
N LEU B 93 -18.12 4.01 -14.03
CA LEU B 93 -19.07 5.13 -14.02
C LEU B 93 -19.06 5.84 -12.68
N GLU B 94 -19.08 5.06 -11.59
CA GLU B 94 -18.99 5.57 -10.24
C GLU B 94 -17.75 6.50 -10.09
N ILE B 95 -16.60 6.07 -10.62
CA ILE B 95 -15.38 6.85 -10.60
C ILE B 95 -15.50 8.15 -11.37
N VAL B 96 -16.07 8.07 -12.57
CA VAL B 96 -16.26 9.23 -13.41
C VAL B 96 -17.18 10.27 -12.76
N GLU B 97 -18.32 9.80 -12.24
CA GLU B 97 -19.30 10.64 -11.58
C GLU B 97 -18.69 11.46 -10.44
N ASN B 98 -17.88 10.80 -9.60
CA ASN B 98 -17.22 11.46 -8.49
C ASN B 98 -16.03 12.37 -8.88
N LEU B 99 -15.28 11.99 -9.92
CA LEU B 99 -14.19 12.85 -10.41
C LEU B 99 -14.74 14.18 -10.89
N LYS B 100 -15.86 14.15 -11.61
N LYS B 100 -15.87 14.15 -11.57
CA LYS B 100 -16.52 15.37 -12.06
CA LYS B 100 -16.53 15.35 -12.06
C LYS B 100 -17.01 16.18 -10.86
C LYS B 100 -17.20 16.13 -10.92
N LYS B 101 -17.33 15.51 -9.75
CA LYS B 101 -17.82 16.20 -8.57
C LYS B 101 -16.66 16.97 -7.92
N TYR B 102 -15.50 16.35 -7.77
CA TYR B 102 -14.35 16.97 -7.10
C TYR B 102 -13.37 17.69 -8.03
N ASN B 103 -13.39 17.35 -9.31
CA ASN B 103 -12.53 18.00 -10.30
C ASN B 103 -11.07 18.19 -9.84
N PRO B 104 -10.35 17.08 -9.64
CA PRO B 104 -8.95 17.22 -9.28
C PRO B 104 -8.23 17.89 -10.45
N LYS B 105 -7.22 18.67 -10.19
CA LYS B 105 -6.53 19.39 -11.25
C LYS B 105 -6.02 18.43 -12.37
N TYR B 106 -5.16 17.48 -12.00
CA TYR B 106 -4.53 16.58 -12.97
C TYR B 106 -4.98 15.13 -12.87
N LEU B 107 -5.56 14.60 -13.94
CA LEU B 107 -5.98 13.21 -13.97
C LEU B 107 -5.14 12.46 -15.01
N VAL B 108 -4.49 11.40 -14.52
CA VAL B 108 -3.66 10.50 -15.28
C VAL B 108 -4.40 9.18 -15.40
N VAL B 109 -4.81 8.83 -16.61
CA VAL B 109 -5.51 7.55 -16.81
C VAL B 109 -4.60 6.53 -17.50
N ASP B 110 -4.37 5.40 -16.83
CA ASP B 110 -3.59 4.31 -17.39
C ASP B 110 -4.59 3.19 -17.74
N PRO B 111 -4.93 3.03 -19.04
CA PRO B 111 -5.97 2.05 -19.50
C PRO B 111 -5.53 0.59 -19.49
N VAL B 112 -5.17 0.09 -18.32
CA VAL B 112 -4.65 -1.26 -18.19
C VAL B 112 -5.70 -2.29 -18.63
N MET B 113 -5.30 -3.16 -19.57
CA MET B 113 -6.16 -4.23 -20.11
C MET B 113 -5.52 -5.63 -20.02
N ILE B 114 -4.30 -5.71 -19.51
CA ILE B 114 -3.55 -6.96 -19.42
C ILE B 114 -2.98 -7.06 -17.99
N TYR B 120 -5.06 -11.01 -20.97
CA TYR B 120 -5.90 -9.92 -21.46
C TYR B 120 -7.23 -9.87 -20.71
N LEU B 121 -7.46 -8.80 -19.94
CA LEU B 121 -8.64 -8.71 -19.09
C LEU B 121 -9.42 -7.40 -19.32
N LEU B 122 -10.57 -7.52 -19.99
CA LEU B 122 -11.40 -6.38 -20.34
C LEU B 122 -12.81 -6.80 -20.74
N LYS B 123 -13.79 -6.06 -20.24
CA LYS B 123 -15.18 -6.31 -20.60
C LYS B 123 -15.57 -5.24 -21.61
N PRO B 124 -16.33 -5.63 -22.65
CA PRO B 124 -16.77 -4.68 -23.69
C PRO B 124 -17.45 -3.44 -23.13
N GLU B 125 -18.35 -3.62 -22.15
CA GLU B 125 -19.03 -2.50 -21.48
C GLU B 125 -18.03 -1.67 -20.67
N ALA B 126 -17.03 -2.31 -20.06
CA ALA B 126 -15.98 -1.57 -19.35
C ALA B 126 -15.12 -0.78 -20.36
N LYS B 127 -14.84 -1.40 -21.51
CA LYS B 127 -14.08 -0.75 -22.58
C LYS B 127 -14.86 0.48 -23.05
N GLU B 128 -16.16 0.27 -23.28
CA GLU B 128 -17.08 1.33 -23.68
C GLU B 128 -17.08 2.51 -22.67
N ASN B 129 -17.20 2.22 -21.37
CA ASN B 129 -17.22 3.28 -20.38
C ASN B 129 -15.89 4.01 -20.25
N LEU B 130 -14.81 3.26 -20.34
CA LEU B 130 -13.47 3.80 -20.29
C LEU B 130 -13.26 4.83 -21.40
N ILE B 131 -13.63 4.42 -22.60
CA ILE B 131 -13.45 5.24 -23.78
C ILE B 131 -14.37 6.42 -23.84
N LYS B 132 -15.66 6.18 -23.59
CA LYS B 132 -16.62 7.26 -23.67
C LYS B 132 -16.57 8.27 -22.55
N TYR B 133 -16.33 7.79 -21.32
CA TYR B 133 -16.45 8.68 -20.17
C TYR B 133 -15.21 8.98 -19.36
N LEU B 134 -14.31 8.02 -19.23
CA LEU B 134 -13.12 8.25 -18.42
C LEU B 134 -12.01 8.96 -19.21
N ILE B 135 -11.70 8.46 -20.38
CA ILE B 135 -10.65 9.02 -21.23
C ILE B 135 -10.79 10.51 -21.53
N PRO B 136 -12.00 10.99 -21.87
CA PRO B 136 -12.10 12.42 -22.18
C PRO B 136 -11.77 13.36 -21.02
N LEU B 137 -11.76 12.84 -19.79
CA LEU B 137 -11.42 13.66 -18.62
C LEU B 137 -9.91 13.71 -18.35
N ALA B 138 -9.15 12.83 -19.01
CA ALA B 138 -7.73 12.68 -18.72
C ALA B 138 -6.89 13.88 -19.11
N TYR B 139 -5.97 14.27 -18.23
CA TYR B 139 -4.99 15.29 -18.59
C TYR B 139 -4.03 14.52 -19.50
N ILE B 140 -3.64 13.32 -19.06
CA ILE B 140 -2.81 12.42 -19.86
C ILE B 140 -3.28 10.97 -19.72
N ILE B 141 -3.20 10.27 -20.86
CA ILE B 141 -3.55 8.85 -20.94
C ILE B 141 -2.23 8.14 -21.34
N THR B 142 -2.00 6.95 -20.78
CA THR B 142 -0.75 6.19 -21.00
C THR B 142 -0.97 4.75 -21.55
N PRO B 143 -1.55 4.63 -22.77
CA PRO B 143 -1.82 3.30 -23.32
C PRO B 143 -0.58 2.65 -23.91
N ASN B 144 -0.52 1.33 -23.85
CA ASN B 144 0.51 0.63 -24.59
C ASN B 144 -0.08 0.38 -25.98
N ILE B 145 0.65 -0.34 -26.83
CA ILE B 145 0.18 -0.60 -28.19
C ILE B 145 -1.18 -1.33 -28.27
N PRO B 146 -1.31 -2.49 -27.60
CA PRO B 146 -2.62 -3.19 -27.69
C PRO B 146 -3.78 -2.41 -27.10
N GLU B 147 -3.51 -1.57 -26.11
CA GLU B 147 -4.54 -0.72 -25.53
C GLU B 147 -4.91 0.36 -26.52
N ALA B 148 -3.91 0.92 -27.21
CA ALA B 148 -4.15 1.96 -28.23
C ALA B 148 -4.97 1.38 -29.42
N GLU B 149 -4.70 0.11 -29.76
CA GLU B 149 -5.45 -0.60 -30.81
C GLU B 149 -6.90 -0.88 -30.35
N GLU B 150 -7.06 -1.40 -29.14
CA GLU B 150 -8.41 -1.68 -28.60
C GLU B 150 -9.20 -0.38 -28.61
N ILE B 151 -8.60 0.70 -28.13
CA ILE B 151 -9.26 2.02 -28.08
C ILE B 151 -9.70 2.53 -29.45
N THR B 152 -8.82 2.44 -30.45
CA THR B 152 -9.11 3.02 -31.78
C THR B 152 -9.48 2.07 -32.92
N GLY B 153 -9.28 0.77 -32.73
CA GLY B 153 -9.52 -0.23 -33.78
C GLY B 153 -8.54 -0.10 -34.96
N ILE B 154 -7.38 0.51 -34.72
CA ILE B 154 -6.36 0.73 -35.74
C ILE B 154 -5.12 -0.11 -35.43
N LYS B 155 -4.60 -0.86 -36.41
CA LYS B 155 -3.36 -1.62 -36.23
C LYS B 155 -2.17 -0.66 -36.05
N ILE B 156 -1.20 -1.04 -35.23
CA ILE B 156 0.01 -0.25 -35.03
C ILE B 156 1.23 -1.10 -35.43
N HIS B 157 1.91 -0.68 -36.50
CA HIS B 157 3.06 -1.41 -37.04
C HIS B 157 4.42 -0.73 -36.80
N ASN B 158 4.44 0.61 -36.73
CA ASN B 158 5.69 1.35 -36.54
C ASN B 158 5.44 2.64 -35.75
N VAL B 159 6.46 3.50 -35.62
CA VAL B 159 6.33 4.75 -34.84
C VAL B 159 5.39 5.74 -35.51
N ASP B 160 5.31 5.73 -36.84
CA ASP B 160 4.39 6.60 -37.57
C ASP B 160 2.93 6.25 -37.20
N ASP B 161 2.65 4.95 -37.03
CA ASP B 161 1.32 4.46 -36.61
C ASP B 161 1.06 4.74 -35.13
N MET B 162 2.12 4.75 -34.32
CA MET B 162 2.00 5.12 -32.91
C MET B 162 1.65 6.60 -32.79
N LYS B 163 2.35 7.42 -33.59
CA LYS B 163 2.14 8.85 -33.56
C LYS B 163 0.73 9.15 -34.01
N ARG B 164 0.34 8.55 -35.14
CA ARG B 164 -0.98 8.80 -35.71
C ARG B 164 -2.10 8.30 -34.80
N VAL B 165 -2.00 7.08 -34.28
CA VAL B 165 -3.03 6.57 -33.38
C VAL B 165 -3.09 7.46 -32.14
N GLY B 166 -1.93 7.98 -31.70
CA GLY B 166 -1.86 8.88 -30.56
C GLY B 166 -2.66 10.16 -30.84
N GLU B 167 -2.55 10.65 -32.06
CA GLU B 167 -3.28 11.86 -32.44
C GLU B 167 -4.77 11.57 -32.59
N GLU B 168 -5.12 10.33 -32.93
CA GLU B 168 -6.52 9.88 -32.96
C GLU B 168 -7.08 9.91 -31.54
N ILE B 169 -6.24 9.52 -30.57
CA ILE B 169 -6.68 9.47 -29.18
C ILE B 169 -6.85 10.88 -28.61
N LEU B 170 -6.04 11.85 -29.05
CA LEU B 170 -6.20 13.24 -28.61
C LEU B 170 -7.59 13.71 -28.97
N GLN B 171 -8.11 13.24 -30.10
CA GLN B 171 -9.45 13.66 -30.52
C GLN B 171 -10.59 13.21 -29.59
N LEU B 172 -10.29 12.35 -28.62
CA LEU B 172 -11.30 11.93 -27.65
C LEU B 172 -11.31 12.86 -26.40
N GLY B 173 -10.35 13.79 -26.30
CA GLY B 173 -10.32 14.72 -25.15
C GLY B 173 -9.04 14.83 -24.32
N PRO B 174 -8.30 13.72 -24.14
CA PRO B 174 -7.11 13.84 -23.34
C PRO B 174 -6.23 14.96 -23.85
N LYS B 175 -5.61 15.67 -22.93
CA LYS B 175 -4.70 16.75 -23.33
C LYS B 175 -3.36 16.23 -23.85
N PHE B 176 -2.95 15.06 -23.38
CA PHE B 176 -1.72 14.39 -23.84
C PHE B 176 -1.87 12.89 -23.89
N VAL B 177 -1.10 12.29 -24.79
CA VAL B 177 -1.07 10.83 -24.93
C VAL B 177 0.39 10.35 -24.87
N LEU B 178 0.70 9.45 -23.92
N LEU B 178 0.67 9.42 -23.94
CA LEU B 178 2.03 8.82 -23.87
CA LEU B 178 2.00 8.83 -23.83
C LEU B 178 1.82 7.40 -24.31
C LEU B 178 1.83 7.39 -24.29
N MET B 179 2.21 7.12 -25.55
CA MET B 179 2.08 5.79 -26.08
C MET B 179 3.37 5.04 -25.84
N LYS B 180 3.22 3.88 -25.22
CA LYS B 180 4.34 3.03 -24.88
C LYS B 180 4.50 1.92 -25.90
N GLY B 181 5.63 1.96 -26.63
CA GLY B 181 5.95 0.94 -27.63
C GLY B 181 6.43 -0.33 -26.96
N GLY B 182 7.12 -1.17 -27.73
CA GLY B 182 7.65 -2.43 -27.21
C GLY B 182 6.87 -3.62 -27.75
N ALA B 188 11.81 -0.27 -30.09
CA ALA B 188 11.18 -0.08 -28.78
C ALA B 188 11.33 1.37 -28.32
N VAL B 189 10.29 2.18 -28.59
CA VAL B 189 10.26 3.58 -28.17
C VAL B 189 8.87 3.98 -27.70
N ASP B 190 8.83 5.06 -26.92
CA ASP B 190 7.58 5.66 -26.46
C ASP B 190 7.45 7.04 -27.10
N ILE B 191 6.22 7.47 -27.29
CA ILE B 191 5.97 8.79 -27.84
C ILE B 191 4.97 9.55 -26.97
N LEU B 192 5.26 10.83 -26.78
CA LEU B 192 4.36 11.74 -26.10
C LEU B 192 3.83 12.71 -27.16
N VAL B 193 2.50 12.75 -27.34
CA VAL B 193 1.87 13.71 -28.25
C VAL B 193 0.85 14.56 -27.50
N GLY B 194 0.90 15.85 -27.83
CA GLY B 194 -0.01 16.88 -27.32
C GLY B 194 -0.19 17.87 -28.47
N LYS B 195 -1.09 18.84 -28.30
CA LYS B 195 -1.43 19.78 -29.36
C LYS B 195 -0.21 20.36 -30.08
N ASN B 196 0.73 20.88 -29.31
CA ASN B 196 1.92 21.50 -29.86
C ASN B 196 3.18 20.85 -29.34
N ILE B 197 3.07 19.56 -28.98
CA ILE B 197 4.17 18.82 -28.41
C ILE B 197 4.24 17.41 -28.97
N PHE B 198 5.44 17.02 -29.43
CA PHE B 198 5.73 15.65 -29.88
C PHE B 198 7.12 15.26 -29.34
N LYS B 199 7.19 14.18 -28.54
CA LYS B 199 8.47 13.70 -28.05
C LYS B 199 8.62 12.20 -28.13
N VAL B 200 9.82 11.79 -28.51
CA VAL B 200 10.20 10.40 -28.62
C VAL B 200 11.15 10.04 -27.48
N TYR B 201 10.88 8.90 -26.87
CA TYR B 201 11.67 8.37 -25.77
C TYR B 201 12.08 6.94 -26.09
N LYS B 202 13.38 6.67 -25.98
CA LYS B 202 13.89 5.34 -26.21
C LYS B 202 13.58 4.55 -24.93
N SER B 203 12.63 3.63 -25.01
CA SER B 203 12.19 2.86 -23.83
C SER B 203 13.09 1.66 -23.55
N GLY B 215 5.54 0.66 -16.54
CA GLY B 215 4.13 0.46 -16.87
C GLY B 215 3.28 1.23 -15.87
N CYS B 216 2.93 0.53 -14.78
CA CYS B 216 2.16 1.14 -13.67
C CYS B 216 3.05 2.15 -12.95
N THR B 217 4.33 1.85 -12.86
CA THR B 217 5.27 2.74 -12.26
C THR B 217 5.35 4.04 -13.07
N LEU B 218 5.36 3.94 -14.39
CA LEU B 218 5.48 5.14 -15.23
C LEU B 218 4.31 6.13 -15.03
N SER B 219 3.08 5.63 -15.11
CA SER B 219 1.90 6.49 -14.92
C SER B 219 1.81 7.05 -13.47
N SER B 220 2.20 6.27 -12.47
CA SER B 220 2.20 6.79 -11.09
C SER B 220 3.32 7.84 -10.93
N ALA B 221 4.46 7.57 -11.53
CA ALA B 221 5.56 8.52 -11.52
C ALA B 221 5.11 9.86 -12.17
N ILE B 222 4.43 9.83 -13.31
CA ILE B 222 3.93 11.07 -13.94
C ILE B 222 2.95 11.82 -13.01
N THR B 223 2.06 11.08 -12.37
CA THR B 223 1.09 11.63 -11.43
C THR B 223 1.79 12.41 -10.35
N SER B 224 2.86 11.83 -9.79
CA SER B 224 3.63 12.50 -8.75
C SER B 224 4.27 13.77 -9.27
N TYR B 225 5.02 13.69 -10.37
CA TYR B 225 5.66 14.90 -10.89
C TYR B 225 4.68 16.00 -11.35
N LEU B 226 3.52 15.64 -11.87
CA LEU B 226 2.51 16.68 -12.19
C LEU B 226 2.03 17.32 -10.87
N ALA B 227 1.80 16.51 -9.85
CA ALA B 227 1.41 17.01 -8.53
C ALA B 227 2.48 17.94 -7.93
N LEU B 228 3.76 17.67 -8.21
CA LEU B 228 4.88 18.49 -7.73
C LEU B 228 5.10 19.79 -8.51
N GLY B 229 4.33 19.98 -9.59
CA GLY B 229 4.37 21.20 -10.39
C GLY B 229 5.20 21.18 -11.65
N TYR B 230 5.66 20.01 -12.05
CA TYR B 230 6.47 19.89 -13.26
C TYR B 230 5.57 19.96 -14.50
N GLU B 231 6.12 20.56 -15.54
CA GLU B 231 5.46 20.70 -16.84
C GLU B 231 5.45 19.29 -17.46
N ILE B 232 4.41 18.97 -18.23
CA ILE B 232 4.24 17.59 -18.74
C ILE B 232 5.46 16.93 -19.40
N THR B 233 6.13 17.58 -20.35
CA THR B 233 7.27 16.91 -20.99
C THR B 233 8.33 16.54 -19.92
N GLU B 234 8.58 17.48 -19.01
CA GLU B 234 9.52 17.34 -17.90
C GLU B 234 9.14 16.19 -16.94
N ALA B 235 7.87 16.14 -16.59
CA ALA B 235 7.35 15.09 -15.72
C ALA B 235 7.63 13.71 -16.34
N VAL B 236 7.51 13.61 -17.66
CA VAL B 236 7.73 12.35 -18.36
C VAL B 236 9.24 12.04 -18.38
N ASN B 237 10.05 13.09 -18.61
CA ASN B 237 11.52 12.95 -18.58
C ASN B 237 11.96 12.26 -17.28
N LEU B 238 11.57 12.88 -16.17
CA LEU B 238 11.94 12.43 -14.85
C LEU B 238 11.37 11.05 -14.49
N SER B 239 10.17 10.75 -15.00
CA SER B 239 9.56 9.45 -14.74
C SER B 239 10.37 8.33 -15.38
N LYS B 240 10.89 8.54 -16.59
CA LYS B 240 11.73 7.53 -17.24
C LYS B 240 13.00 7.34 -16.45
N ILE B 241 13.64 8.45 -16.13
CA ILE B 241 14.85 8.42 -15.32
C ILE B 241 14.55 7.66 -14.02
N TYR B 242 13.42 7.96 -13.39
CA TYR B 242 13.03 7.26 -12.14
C TYR B 242 12.96 5.75 -12.32
N ILE B 243 12.33 5.32 -13.39
CA ILE B 243 12.21 3.90 -13.68
C ILE B 243 13.58 3.22 -13.81
N THR B 244 14.52 3.85 -14.53
CA THR B 244 15.86 3.27 -14.71
C THR B 244 16.43 2.81 -13.36
N GLU B 245 16.46 3.71 -12.39
CA GLU B 245 16.97 3.38 -11.06
C GLU B 245 16.22 2.19 -10.41
N ALA B 246 14.93 2.03 -10.76
CA ALA B 246 14.12 0.94 -10.22
C ALA B 246 13.98 -0.19 -11.24
N1 EPE C . -4.89 -18.98 -13.80
N1 EPE C . -5.26 -18.78 -13.34
C2 EPE C . -4.44 -18.14 -14.93
C2 EPE C . -4.72 -18.18 -14.58
C3 EPE C . -2.94 -17.96 -14.91
C3 EPE C . -3.21 -18.30 -14.59
N4 EPE C . -2.36 -19.29 -15.10
N4 EPE C . -2.87 -19.73 -14.60
C5 EPE C . -2.57 -20.02 -13.84
C5 EPE C . -3.29 -20.30 -13.32
C6 EPE C . -4.04 -20.18 -13.52
C6 EPE C . -4.80 -20.16 -13.15
C7 EPE C . -0.93 -19.16 -15.43
C7 EPE C . -1.43 -19.90 -14.83
C8 EPE C . -0.76 -19.14 -16.93
C8 EPE C . -0.92 -18.89 -15.84
O8 EPE C . 0.37 -19.15 -17.40
O8 EPE C . -0.72 -19.24 -16.99
C9 EPE C . -6.25 -19.42 -14.12
C9 EPE C . -6.73 -18.75 -13.42
C10 EPE C . -7.26 -18.65 -13.27
C10 EPE C . -7.19 -18.48 -14.86
S EPE C . -7.73 -19.63 -12.01
S EPE C . -7.14 -16.85 -15.20
O1S EPE C . -7.34 -19.02 -10.73
O1S EPE C . -7.86 -16.10 -14.15
O2S EPE C . -9.20 -19.80 -12.05
O2S EPE C . -5.73 -16.40 -15.28
O3S EPE C . -7.05 -20.93 -12.15
O3S EPE C . -7.80 -16.57 -16.50
#